data_7FOE
#
_entry.id   7FOE
#
_cell.length_a   88.272
_cell.length_b   81.813
_cell.length_c   93.166
_cell.angle_alpha   90
_cell.angle_beta   107.82
_cell.angle_gamma   90
#
_symmetry.space_group_name_H-M   'C 1 2 1'
#
loop_
_entity.id
_entity.type
_entity.pdbx_description
1 polymer 'Pre-mRNA-splicing factor 8'
2 polymer 'A1 cistron-splicing factor AAR2'
3 non-polymer N-(3,4-dichlorophenyl)-2-(1H-pyrazol-1-yl)acetamide
4 water water
#
loop_
_entity_poly.entity_id
_entity_poly.type
_entity_poly.pdbx_seq_one_letter_code
_entity_poly.pdbx_strand_id
1 'polypeptide(L)'
;GAMNSSNYAELFNNDIKLFVDDTNVYRVTVHKTFEGNVATKAINGCIFTLNPKTGHLFLKIIHTSVWAGQKRLSQLAKWK
TAEEVSALVRSLPKEEQPKQIIVTRKAMLDPLEVHMLDFPNIAIRPTELRLPFSAAMSIDKLSDVVMKATEPQMVLFNIY
DDWLDRISSYTAFSRLTLLLRALKTNEESAKMILLSDPTITIKSYHLWPSFTDEQWITIESQMRDLILTEYGRKYNVNIS
ALTQTEIKDIILGQNIKA
;
A
2 'polypeptide(L)'
;GAMAMNTVPFTSAPIEVTIGIDQYSFNVKENQPFHGIKDIPIGHVHVIHFQHADNSSMRYGYWFDCRMGNFYIQYDPKDG
LYKMMEERDGAKFENIVHNFKERQMMVSYPKIDEDDTWYNLTEFVQMDKIRKIVRKDENQFSYVDSSMTTVQENELSSSS
SDPAHSLNYTVINFKSREAIRPGHEMEDFLDKSYYLNTVMLQGIFKNSSNYFGELQFAFLNAMFFGNYGSSLQWHAMIEL
ICSSATVPKHMLDKLDEILYYQIKTLPEQYSDILLNERVWNICLYSSFQKNSLHNTEKIMENKYPELL
;
B
#
loop_
_chem_comp.id
_chem_comp.type
_chem_comp.name
_chem_comp.formula
WCI non-polymer N-(3,4-dichlorophenyl)-2-(1H-pyrazol-1-yl)acetamide 'C11 H9 Cl2 N3 O'
#
# COMPACT_ATOMS: atom_id res chain seq x y z
N GLY A 1 -3.10 16.27 -1.07
CA GLY A 1 -1.80 15.66 -1.28
C GLY A 1 -0.64 16.42 -0.66
N ALA A 2 0.48 16.50 -1.38
CA ALA A 2 1.68 17.11 -0.84
C ALA A 2 1.55 18.63 -0.75
N MET A 3 2.39 19.23 0.08
CA MET A 3 2.35 20.66 0.37
C MET A 3 3.61 21.29 -0.23
N ASN A 4 3.44 22.36 -1.01
CA ASN A 4 4.56 22.98 -1.71
C ASN A 4 4.31 24.48 -1.88
N SER A 5 5.18 25.13 -2.67
CA SER A 5 5.15 26.59 -2.78
C SER A 5 3.82 27.11 -3.32
N SER A 6 3.07 26.27 -4.01
CA SER A 6 1.86 26.72 -4.70
C SER A 6 0.65 26.78 -3.79
N ASN A 7 0.54 25.86 -2.82
CA ASN A 7 -0.56 25.88 -1.87
C ASN A 7 -0.05 26.32 -0.49
N TYR A 8 0.71 27.40 -0.47
CA TYR A 8 1.39 27.85 0.74
C TYR A 8 0.45 28.58 1.70
N ALA A 9 -0.51 29.33 1.16
CA ALA A 9 -1.37 30.08 2.04
C ALA A 9 -2.41 29.22 2.73
N GLU A 10 -2.58 27.96 2.34
CA GLU A 10 -3.51 27.10 3.07
C GLU A 10 -3.11 26.96 4.54
N LEU A 11 -1.82 27.06 4.82
CA LEU A 11 -1.38 27.00 6.21
C LEU A 11 -2.07 28.02 7.12
N PHE A 12 -2.53 29.15 6.59
CA PHE A 12 -3.00 30.24 7.45
C PHE A 12 -4.51 30.41 7.35
N ASN A 13 -5.22 29.47 6.72
CA ASN A 13 -6.67 29.50 6.79
C ASN A 13 -7.14 28.99 8.15
N ASN A 14 -8.45 28.85 8.25
CA ASN A 14 -9.11 28.53 9.51
C ASN A 14 -9.37 27.03 9.71
N ASP A 15 -8.80 26.18 8.86
CA ASP A 15 -8.84 24.73 9.09
C ASP A 15 -7.69 24.38 10.04
N ILE A 16 -7.99 23.85 11.22
CA ILE A 16 -6.91 23.50 12.15
C ILE A 16 -5.96 22.52 11.48
N LYS A 17 -4.66 22.79 11.56
CA LYS A 17 -3.69 21.83 11.05
C LYS A 17 -2.44 21.80 11.92
N LEU A 18 -1.71 20.66 11.90
CA LEU A 18 -0.45 20.55 12.59
C LEU A 18 0.65 20.12 11.65
N PHE A 19 1.80 20.79 11.76
CA PHE A 19 3.03 20.24 11.24
C PHE A 19 3.54 19.28 12.31
N VAL A 20 4.07 18.15 11.88
CA VAL A 20 4.83 17.28 12.79
C VAL A 20 6.24 17.04 12.23
N ASP A 21 7.27 17.33 13.02
CA ASP A 21 8.65 17.05 12.64
C ASP A 21 9.27 16.08 13.64
N ASP A 22 9.80 14.96 13.13
CA ASP A 22 10.42 13.91 13.93
C ASP A 22 11.95 13.92 13.91
N THR A 23 12.56 14.95 13.31
N THR A 23 12.57 14.98 13.37
CA THR A 23 14.01 14.92 13.16
CA THR A 23 14.00 14.92 13.12
C THR A 23 14.70 14.68 14.49
C THR A 23 14.82 14.94 14.41
N ASN A 24 14.23 15.36 15.53
CA ASN A 24 14.90 15.41 16.83
C ASN A 24 14.34 14.39 17.84
N VAL A 25 13.62 13.36 17.39
CA VAL A 25 13.05 12.36 18.29
C VAL A 25 14.14 11.42 18.80
N TYR A 26 14.94 10.83 17.90
CA TYR A 26 16.01 9.89 18.26
C TYR A 26 17.34 10.58 17.98
N ARG A 27 18.02 10.96 19.05
CA ARG A 27 19.26 11.69 18.93
C ARG A 27 20.35 10.90 19.60
N VAL A 28 21.53 10.86 18.98
CA VAL A 28 22.65 10.14 19.58
C VAL A 28 23.94 10.93 19.53
N THR A 29 24.85 10.55 20.40
CA THR A 29 26.24 10.92 20.23
C THR A 29 26.97 9.65 19.88
N VAL A 30 27.90 9.70 18.92
CA VAL A 30 28.66 8.51 18.54
C VAL A 30 30.03 8.61 19.19
N HIS A 31 30.49 7.51 19.80
CA HIS A 31 31.76 7.55 20.50
C HIS A 31 32.50 6.24 20.32
N LYS A 32 33.79 6.25 20.67
CA LYS A 32 34.62 5.06 20.66
C LYS A 32 34.54 4.31 21.99
N THR A 33 34.51 2.98 21.91
CA THR A 33 34.55 2.14 23.09
C THR A 33 36.00 1.86 23.50
N PHE A 34 36.17 1.28 24.69
CA PHE A 34 37.51 0.97 25.14
C PHE A 34 38.25 0.06 24.18
N GLU A 35 37.55 -0.93 23.61
CA GLU A 35 38.07 -1.84 22.60
C GLU A 35 38.30 -1.19 21.24
N GLY A 36 38.05 0.12 21.12
CA GLY A 36 38.21 0.79 19.85
C GLY A 36 37.09 0.57 18.87
N ASN A 37 35.95 0.03 19.30
CA ASN A 37 34.78 -0.04 18.45
C ASN A 37 33.97 1.23 18.62
N VAL A 38 32.95 1.41 17.79
CA VAL A 38 32.06 2.57 17.89
C VAL A 38 30.75 2.15 18.56
N ALA A 39 30.23 3.02 19.44
CA ALA A 39 28.92 2.87 20.07
C ALA A 39 28.17 4.20 20.02
N THR A 40 26.84 4.15 20.05
CA THR A 40 26.03 5.35 20.22
C THR A 40 25.57 5.42 21.66
N LYS A 41 25.35 6.65 22.13
CA LYS A 41 24.66 6.89 23.40
C LYS A 41 23.49 7.82 23.08
N ALA A 42 22.28 7.38 23.35
CA ALA A 42 21.11 8.20 23.01
C ALA A 42 21.04 9.37 23.97
N ILE A 43 20.49 10.51 23.50
CA ILE A 43 20.25 11.65 24.39
C ILE A 43 18.79 12.02 24.23
N ASN A 44 18.27 12.82 25.16
CA ASN A 44 16.84 13.17 25.08
C ASN A 44 16.48 13.83 23.78
N GLY A 45 15.24 13.55 23.35
CA GLY A 45 14.75 14.12 22.10
C GLY A 45 13.40 14.80 22.20
N CYS A 46 12.81 15.17 21.08
CA CYS A 46 11.54 15.83 21.18
C CYS A 46 10.82 15.62 19.86
N ILE A 47 9.48 15.61 19.93
CA ILE A 47 8.61 15.78 18.76
C ILE A 47 8.17 17.24 18.64
N PHE A 48 8.33 17.82 17.47
CA PHE A 48 8.06 19.23 17.20
C PHE A 48 6.73 19.16 16.45
N THR A 49 5.63 19.41 17.16
CA THR A 49 4.29 19.51 16.58
C THR A 49 3.79 20.95 16.67
N LEU A 50 3.46 21.55 15.56
CA LEU A 50 3.28 23.00 15.55
C LEU A 50 2.00 23.36 14.78
N ASN A 51 1.17 24.21 15.37
CA ASN A 51 0.07 24.83 14.64
C ASN A 51 0.58 26.11 14.01
N PRO A 52 0.70 26.18 12.69
CA PRO A 52 1.34 27.33 12.06
C PRO A 52 0.48 28.54 12.07
N LYS A 53 -0.82 28.39 12.31
CA LYS A 53 -1.75 29.50 12.32
C LYS A 53 -1.66 30.22 13.69
N THR A 54 -1.66 29.47 14.78
CA THR A 54 -1.70 30.09 16.12
C THR A 54 -0.33 30.18 16.79
N GLY A 55 0.67 29.47 16.29
CA GLY A 55 1.97 29.34 16.95
C GLY A 55 2.05 28.37 18.09
N HIS A 56 0.94 27.70 18.46
CA HIS A 56 1.03 26.72 19.55
C HIS A 56 1.92 25.56 19.15
N LEU A 57 2.88 25.23 20.01
CA LEU A 57 3.88 24.19 19.81
C LEU A 57 3.63 23.16 20.90
N PHE A 58 3.40 21.93 20.52
CA PHE A 58 3.25 20.86 21.49
C PHE A 58 4.53 20.04 21.48
N LEU A 59 5.40 20.34 22.42
CA LEU A 59 6.75 19.79 22.43
C LEU A 59 6.72 18.57 23.31
N LYS A 60 6.62 17.41 22.68
CA LYS A 60 6.63 16.15 23.40
C LYS A 60 8.08 15.72 23.55
N ILE A 61 8.50 15.66 24.80
CA ILE A 61 9.87 15.32 25.07
C ILE A 61 10.03 13.79 25.17
N ILE A 62 11.08 13.32 24.50
CA ILE A 62 11.37 11.89 24.34
C ILE A 62 12.56 11.63 25.25
N HIS A 63 12.27 10.96 26.37
CA HIS A 63 13.29 10.57 27.30
C HIS A 63 14.02 9.30 26.87
N THR A 64 15.32 9.24 27.17
CA THR A 64 16.14 8.18 26.59
C THR A 64 15.69 6.82 27.04
N SER A 65 15.01 6.77 28.18
CA SER A 65 14.50 5.52 28.74
C SER A 65 13.58 4.80 27.75
N VAL A 66 12.95 5.52 26.83
N VAL A 66 12.93 5.55 26.86
CA VAL A 66 12.03 4.87 25.90
CA VAL A 66 12.06 5.00 25.83
C VAL A 66 12.75 4.03 24.86
C VAL A 66 12.78 3.95 25.00
N TRP A 67 14.08 4.19 24.72
CA TRP A 67 14.86 3.34 23.82
C TRP A 67 15.45 2.12 24.53
N ALA A 68 15.22 1.94 25.84
CA ALA A 68 15.94 0.91 26.59
C ALA A 68 15.51 -0.49 26.14
N GLY A 69 16.47 -1.30 25.69
CA GLY A 69 16.17 -2.67 25.27
C GLY A 69 15.46 -2.81 23.94
N GLN A 70 15.36 -1.75 23.17
CA GLN A 70 14.72 -1.78 21.86
C GLN A 70 15.75 -1.88 20.76
N LYS A 71 15.33 -2.51 19.65
CA LYS A 71 16.12 -2.65 18.45
C LYS A 71 15.53 -1.77 17.37
N ARG A 72 16.38 -1.46 16.41
CA ARG A 72 16.04 -0.70 15.20
C ARG A 72 15.42 0.66 15.55
N LEU A 73 16.21 1.45 16.30
CA LEU A 73 15.63 2.60 16.96
C LEU A 73 15.21 3.67 15.95
N SER A 74 15.88 3.78 14.82
CA SER A 74 15.45 4.77 13.83
C SER A 74 14.06 4.44 13.30
N GLN A 75 13.76 3.15 13.07
CA GLN A 75 12.41 2.81 12.66
C GLN A 75 11.43 3.00 13.81
N LEU A 76 11.82 2.57 15.01
CA LEU A 76 10.90 2.72 16.12
C LEU A 76 10.60 4.17 16.39
N ALA A 77 11.59 5.08 16.32
CA ALA A 77 11.37 6.53 16.50
C ALA A 77 10.20 7.08 15.67
N LYS A 78 10.05 6.57 14.41
CA LYS A 78 8.98 7.04 13.54
C LYS A 78 7.64 6.62 14.09
N TRP A 79 7.53 5.38 14.56
CA TRP A 79 6.29 4.85 15.14
C TRP A 79 6.02 5.40 16.54
N LYS A 80 7.05 5.69 17.29
CA LYS A 80 6.84 6.37 18.56
C LYS A 80 6.27 7.77 18.35
N THR A 81 6.81 8.47 17.38
CA THR A 81 6.32 9.79 17.02
C THR A 81 4.83 9.72 16.74
N ALA A 82 4.47 8.75 15.83
CA ALA A 82 3.09 8.67 15.44
C ALA A 82 2.21 8.28 16.62
N GLU A 83 2.69 7.42 17.47
CA GLU A 83 1.90 7.03 18.62
C GLU A 83 1.65 8.25 19.52
N GLU A 84 2.67 9.08 19.73
CA GLU A 84 2.52 10.29 20.59
C GLU A 84 1.63 11.38 19.92
N VAL A 85 1.76 11.55 18.60
CA VAL A 85 0.83 12.46 17.88
C VAL A 85 -0.60 11.98 18.03
N SER A 86 -0.85 10.69 17.78
N SER A 86 -0.84 10.68 17.77
CA SER A 86 -2.22 10.19 17.90
CA SER A 86 -2.18 10.12 17.91
C SER A 86 -2.73 10.32 19.34
C SER A 86 -2.72 10.30 19.33
N ALA A 87 -1.88 10.12 20.34
CA ALA A 87 -2.34 10.33 21.73
C ALA A 87 -2.66 11.79 21.99
N LEU A 88 -1.89 12.67 21.39
CA LEU A 88 -2.20 14.09 21.47
C LEU A 88 -3.53 14.40 20.86
N VAL A 89 -3.80 13.92 19.64
CA VAL A 89 -5.08 14.28 19.06
C VAL A 89 -6.24 13.79 19.95
N ARG A 90 -6.15 12.55 20.42
CA ARG A 90 -7.22 11.97 21.25
C ARG A 90 -7.45 12.78 22.54
N SER A 91 -6.38 13.40 23.07
CA SER A 91 -6.51 14.24 24.27
C SER A 91 -7.18 15.57 23.96
N LEU A 92 -7.24 15.97 22.69
CA LEU A 92 -7.82 17.29 22.44
C LEU A 92 -9.34 17.18 22.32
N PRO A 93 -10.12 18.17 22.72
CA PRO A 93 -11.55 18.14 22.42
C PRO A 93 -11.75 18.14 20.90
N LYS A 94 -12.88 17.56 20.50
CA LYS A 94 -13.15 17.33 19.09
C LYS A 94 -12.92 18.59 18.28
N GLU A 95 -13.45 19.73 18.77
CA GLU A 95 -13.34 21.00 18.06
C GLU A 95 -11.91 21.52 18.03
N GLU A 96 -11.00 20.95 18.80
CA GLU A 96 -9.61 21.36 18.71
C GLU A 96 -8.76 20.40 17.91
N GLN A 97 -9.28 19.23 17.56
CA GLN A 97 -8.50 18.30 16.75
C GLN A 97 -8.24 18.82 15.32
N PRO A 98 -7.04 18.53 14.79
CA PRO A 98 -6.68 19.05 13.47
C PRO A 98 -7.51 18.36 12.43
N LYS A 99 -7.72 19.07 11.31
N LYS A 99 -7.75 19.05 11.31
CA LYS A 99 -8.33 18.51 10.10
CA LYS A 99 -8.33 18.39 10.15
C LYS A 99 -7.29 17.93 9.14
C LYS A 99 -7.27 17.80 9.22
N GLN A 100 -6.04 18.33 9.30
CA GLN A 100 -4.90 17.83 8.57
C GLN A 100 -3.69 17.80 9.50
N ILE A 101 -2.83 16.81 9.27
CA ILE A 101 -1.49 16.77 9.88
C ILE A 101 -0.48 16.63 8.76
N ILE A 102 0.42 17.60 8.68
CA ILE A 102 1.43 17.60 7.64
C ILE A 102 2.78 17.13 8.17
N VAL A 103 3.33 16.04 7.63
CA VAL A 103 4.63 15.56 8.13
C VAL A 103 5.79 16.13 7.35
N THR A 104 6.83 16.49 8.06
CA THR A 104 7.96 17.13 7.39
C THR A 104 8.83 16.12 6.66
N ARG A 105 8.70 14.78 6.94
CA ARG A 105 9.46 13.75 6.23
C ARG A 105 8.53 12.61 5.80
N LYS A 106 8.67 12.08 4.57
CA LYS A 106 7.68 11.17 4.01
C LYS A 106 7.64 9.82 4.72
N ALA A 107 8.71 9.45 5.42
CA ALA A 107 8.79 8.20 6.16
C ALA A 107 7.85 8.16 7.35
N MET A 108 7.33 9.33 7.80
CA MET A 108 6.29 9.42 8.83
C MET A 108 4.90 9.14 8.27
N LEU A 109 4.71 9.08 6.94
CA LEU A 109 3.34 8.99 6.44
C LEU A 109 2.68 7.66 6.91
N ASP A 110 3.30 6.51 6.63
CA ASP A 110 2.70 5.22 6.99
C ASP A 110 2.57 5.06 8.49
N PRO A 111 3.60 5.34 9.29
CA PRO A 111 3.42 5.23 10.74
C PRO A 111 2.28 6.13 11.23
N LEU A 112 2.19 7.38 10.77
CA LEU A 112 1.06 8.18 11.25
C LEU A 112 -0.26 7.67 10.71
N GLU A 113 -0.33 7.32 9.42
CA GLU A 113 -1.62 6.90 8.88
C GLU A 113 -2.18 5.70 9.66
N VAL A 114 -1.31 4.71 9.98
CA VAL A 114 -1.74 3.50 10.71
C VAL A 114 -2.23 3.87 12.12
N HIS A 115 -1.50 4.76 12.81
CA HIS A 115 -1.88 5.19 14.17
C HIS A 115 -3.15 6.04 14.19
N MET A 116 -3.55 6.57 13.04
CA MET A 116 -4.72 7.43 13.00
C MET A 116 -5.88 6.79 12.26
N LEU A 117 -5.89 5.45 12.14
CA LEU A 117 -6.98 4.83 11.39
C LEU A 117 -8.30 5.14 12.02
N ASP A 118 -8.31 5.45 13.32
CA ASP A 118 -9.54 5.80 14.01
C ASP A 118 -10.08 7.15 13.57
N PHE A 119 -9.26 7.94 12.87
CA PHE A 119 -9.58 9.30 12.49
C PHE A 119 -9.61 9.37 10.96
N PRO A 120 -10.56 8.70 10.31
CA PRO A 120 -10.57 8.69 8.84
C PRO A 120 -10.69 10.07 8.21
N ASN A 121 -11.28 11.03 8.93
CA ASN A 121 -11.48 12.38 8.43
C ASN A 121 -10.30 13.31 8.69
N ILE A 122 -9.21 12.84 9.30
CA ILE A 122 -7.98 13.63 9.43
C ILE A 122 -7.02 13.26 8.31
N ALA A 123 -6.73 14.22 7.46
CA ALA A 123 -5.85 13.99 6.32
C ALA A 123 -4.39 14.07 6.74
N ILE A 124 -3.63 13.03 6.39
CA ILE A 124 -2.19 12.97 6.61
C ILE A 124 -1.52 13.28 5.30
N ARG A 125 -0.73 14.35 5.27
CA ARG A 125 -0.13 14.88 4.05
C ARG A 125 1.37 15.01 4.21
N PRO A 126 2.13 14.76 3.16
CA PRO A 126 3.55 15.17 3.16
C PRO A 126 3.74 16.61 2.70
N THR A 127 4.99 17.04 2.54
CA THR A 127 5.26 18.35 1.98
C THR A 127 6.53 18.33 1.15
N GLU A 128 6.58 19.19 0.13
N GLU A 128 6.60 19.19 0.14
CA GLU A 128 7.76 19.41 -0.70
CA GLU A 128 7.82 19.36 -0.63
C GLU A 128 8.64 20.53 -0.16
C GLU A 128 8.69 20.49 -0.09
N LEU A 129 8.18 21.28 0.85
CA LEU A 129 9.00 22.31 1.46
C LEU A 129 10.12 21.68 2.27
N ARG A 130 11.29 22.32 2.24
CA ARG A 130 12.44 21.93 3.03
C ARG A 130 12.49 22.73 4.35
N LEU A 131 11.50 22.50 5.20
CA LEU A 131 11.32 23.35 6.38
C LEU A 131 12.44 23.16 7.42
N PRO A 132 12.81 24.16 8.12
CA PRO A 132 14.00 24.00 8.97
C PRO A 132 13.70 23.64 10.42
N PHE A 133 12.65 22.86 10.67
CA PHE A 133 12.26 22.63 12.04
C PHE A 133 13.29 21.83 12.81
N SER A 134 14.19 21.13 12.14
CA SER A 134 15.26 20.42 12.85
C SER A 134 16.06 21.36 13.75
N ALA A 135 16.14 22.64 13.39
CA ALA A 135 16.90 23.63 14.15
C ALA A 135 16.18 24.06 15.43
N ALA A 136 15.01 23.50 15.75
CA ALA A 136 14.31 23.85 16.99
C ALA A 136 15.17 23.62 18.23
N MET A 137 16.10 22.68 18.20
CA MET A 137 16.99 22.50 19.34
C MET A 137 18.11 23.53 19.38
N SER A 138 18.14 24.49 18.45
CA SER A 138 19.00 25.66 18.58
C SER A 138 18.34 26.78 19.35
N ILE A 139 17.07 26.61 19.71
CA ILE A 139 16.37 27.57 20.55
C ILE A 139 16.64 27.21 22.01
N ASP A 140 17.30 28.13 22.71
CA ASP A 140 17.87 27.80 24.01
C ASP A 140 16.82 27.26 24.96
N LYS A 141 15.66 27.91 25.08
CA LYS A 141 14.71 27.44 26.08
C LYS A 141 14.15 26.06 25.73
N LEU A 142 13.96 25.79 24.44
CA LEU A 142 13.58 24.43 24.06
C LEU A 142 14.72 23.45 24.30
N SER A 143 15.94 23.74 23.86
CA SER A 143 16.99 22.80 24.17
C SER A 143 17.02 22.50 25.67
N ASP A 144 16.81 23.53 26.49
CA ASP A 144 17.03 23.38 27.93
C ASP A 144 16.04 22.39 28.54
N VAL A 145 14.76 22.49 28.14
CA VAL A 145 13.73 21.67 28.76
C VAL A 145 13.85 20.24 28.28
N VAL A 146 14.36 20.05 27.05
CA VAL A 146 14.55 18.68 26.56
C VAL A 146 15.70 18.02 27.34
N MET A 147 16.80 18.75 27.49
N MET A 147 16.80 18.74 27.49
N MET A 147 16.80 18.74 27.51
CA MET A 147 17.99 18.19 28.12
CA MET A 147 17.97 18.13 28.13
CA MET A 147 17.96 18.11 28.14
C MET A 147 17.80 17.95 29.63
C MET A 147 17.79 17.93 29.63
C MET A 147 17.76 17.91 29.64
N LYS A 148 17.00 18.78 30.29
CA LYS A 148 16.75 18.63 31.73
C LYS A 148 15.70 17.56 32.09
N ALA A 149 14.87 17.10 31.15
CA ALA A 149 13.83 16.12 31.48
C ALA A 149 14.39 14.81 32.02
N THR A 150 13.77 14.32 33.10
CA THR A 150 14.11 13.04 33.71
C THR A 150 13.04 11.98 33.49
N GLU A 151 11.98 12.31 32.77
CA GLU A 151 10.87 11.41 32.44
C GLU A 151 10.16 11.96 31.19
N PRO A 152 9.37 11.13 30.49
CA PRO A 152 8.52 11.65 29.39
C PRO A 152 7.65 12.81 29.88
N GLN A 153 7.52 13.82 29.03
CA GLN A 153 6.88 15.06 29.39
C GLN A 153 6.50 15.84 28.15
N MET A 154 5.31 16.43 28.21
CA MET A 154 4.80 17.35 27.20
C MET A 154 4.89 18.78 27.74
N VAL A 155 5.48 19.68 26.97
CA VAL A 155 5.52 21.11 27.32
C VAL A 155 4.92 21.95 26.19
N LEU A 156 4.14 22.95 26.56
CA LEU A 156 3.42 23.76 25.57
C LEU A 156 4.05 25.13 25.46
N PHE A 157 4.25 25.56 24.23
CA PHE A 157 4.91 26.83 24.01
C PHE A 157 4.09 27.58 22.97
N ASN A 158 4.26 28.88 22.89
CA ASN A 158 3.91 29.58 21.64
C ASN A 158 5.19 30.05 20.97
N ILE A 159 5.56 29.43 19.83
CA ILE A 159 6.83 29.73 19.17
C ILE A 159 6.83 31.07 18.49
N TYR A 160 5.69 31.76 18.42
CA TYR A 160 5.68 33.12 17.89
C TYR A 160 5.76 34.18 18.97
N ASP A 161 5.94 33.78 20.22
CA ASP A 161 5.83 34.74 21.35
C ASP A 161 4.53 35.52 21.16
N ASP A 162 4.56 36.88 21.17
CA ASP A 162 3.39 37.77 21.06
C ASP A 162 3.31 38.42 19.70
N TRP A 163 3.94 37.79 18.70
CA TRP A 163 4.07 38.42 17.39
C TRP A 163 2.71 38.69 16.75
N LEU A 164 1.75 37.78 16.96
CA LEU A 164 0.47 37.86 16.31
C LEU A 164 -0.29 39.08 16.75
N ASP A 165 0.06 39.65 17.90
CA ASP A 165 -0.55 40.93 18.27
C ASP A 165 -0.26 42.04 17.26
N ARG A 166 0.80 41.89 16.47
CA ARG A 166 1.27 42.94 15.56
C ARG A 166 1.37 42.52 14.11
N ILE A 167 1.56 41.22 13.83
CA ILE A 167 1.74 40.72 12.47
C ILE A 167 0.78 39.58 12.23
N SER A 168 0.59 39.26 10.94
CA SER A 168 -0.23 38.09 10.59
C SER A 168 0.51 36.77 10.80
N SER A 169 -0.26 35.67 10.77
N SER A 169 -0.23 35.66 10.74
CA SER A 169 0.34 34.34 10.86
CA SER A 169 0.41 34.35 10.88
C SER A 169 1.29 34.09 9.70
C SER A 169 1.27 34.00 9.67
N TYR A 170 0.86 34.44 8.48
CA TYR A 170 1.76 34.30 7.35
C TYR A 170 3.08 35.00 7.64
N THR A 171 3.04 36.24 8.15
CA THR A 171 4.34 36.89 8.38
C THR A 171 5.09 36.21 9.51
N ALA A 172 4.36 35.79 10.56
CA ALA A 172 5.00 35.17 11.74
C ALA A 172 5.69 33.89 11.34
N PHE A 173 5.04 33.11 10.47
CA PHE A 173 5.65 31.87 10.00
C PHE A 173 6.88 32.15 9.13
N SER A 174 6.81 33.13 8.21
CA SER A 174 7.99 33.57 7.47
C SER A 174 9.15 33.98 8.38
N ARG A 175 8.87 34.80 9.42
CA ARG A 175 9.93 35.14 10.36
C ARG A 175 10.49 33.88 11.02
N LEU A 176 9.59 33.03 11.53
CA LEU A 176 10.03 31.80 12.24
C LEU A 176 10.94 30.94 11.35
N THR A 177 10.54 30.74 10.11
CA THR A 177 11.33 29.87 9.24
C THR A 177 12.61 30.56 8.80
N LEU A 178 12.64 31.89 8.72
CA LEU A 178 13.92 32.54 8.42
C LEU A 178 14.88 32.38 9.58
N LEU A 179 14.37 32.56 10.77
CA LEU A 179 15.20 32.42 11.96
C LEU A 179 15.76 31.00 12.08
N LEU A 180 14.88 30.00 11.93
CA LEU A 180 15.33 28.61 12.04
C LEU A 180 16.30 28.22 10.91
N ARG A 181 15.98 28.63 9.66
CA ARG A 181 16.92 28.44 8.55
C ARG A 181 18.28 29.03 8.90
N ALA A 182 18.32 30.19 9.56
CA ALA A 182 19.62 30.77 9.86
C ALA A 182 20.35 29.91 10.89
N LEU A 183 19.65 29.57 11.95
CA LEU A 183 20.22 28.76 12.99
C LEU A 183 20.73 27.42 12.45
N LYS A 184 20.10 26.90 11.40
CA LYS A 184 20.55 25.63 10.87
C LYS A 184 21.80 25.78 10.01
N THR A 185 21.94 26.90 9.31
N THR A 185 21.96 26.92 9.34
CA THR A 185 23.06 27.04 8.38
CA THR A 185 23.04 27.08 8.37
C THR A 185 24.33 27.45 9.11
C THR A 185 24.32 27.49 9.07
N ASN A 186 24.21 28.34 10.09
CA ASN A 186 25.36 28.77 10.88
C ASN A 186 24.80 29.18 12.26
N GLU A 187 24.76 28.20 13.17
CA GLU A 187 24.15 28.44 14.47
C GLU A 187 24.86 29.59 15.18
N GLU A 188 26.19 29.60 15.20
CA GLU A 188 26.88 30.62 15.99
C GLU A 188 26.56 32.03 15.50
N SER A 189 26.72 32.26 14.20
CA SER A 189 26.38 33.57 13.64
C SER A 189 24.94 33.93 13.96
N ALA A 190 24.00 33.05 13.61
CA ALA A 190 22.58 33.30 13.91
C ALA A 190 22.41 33.72 15.37
N LYS A 191 23.02 32.96 16.28
CA LYS A 191 22.83 33.27 17.69
C LYS A 191 23.51 34.57 18.05
N MET A 192 24.65 34.88 17.44
CA MET A 192 25.25 36.18 17.68
CA MET A 192 25.26 36.18 17.65
C MET A 192 24.31 37.28 17.24
N ILE A 193 23.68 37.13 16.06
CA ILE A 193 22.80 38.17 15.54
C ILE A 193 21.69 38.47 16.54
N LEU A 194 21.14 37.44 17.17
CA LEU A 194 19.90 37.63 17.89
C LEU A 194 20.12 38.36 19.22
N LEU A 195 21.15 38.03 19.98
CA LEU A 195 21.30 38.47 21.40
C LEU A 195 22.70 38.93 21.87
N SER A 196 23.64 39.29 21.01
CA SER A 196 24.94 39.79 21.51
C SER A 196 24.73 40.99 22.43
N ASP A 197 23.84 41.94 22.13
CA ASP A 197 23.65 43.10 23.03
C ASP A 197 22.51 42.78 24.02
N PRO A 198 22.55 43.13 25.34
CA PRO A 198 21.30 43.08 26.17
C PRO A 198 20.27 44.22 26.44
N THR A 199 20.02 45.24 25.61
CA THR A 199 18.88 46.22 25.81
C THR A 199 17.55 45.75 25.18
N ILE A 200 17.56 44.62 24.50
CA ILE A 200 16.41 43.91 23.82
C ILE A 200 16.34 42.50 24.42
N THR A 201 15.75 42.33 25.60
CA THR A 201 15.83 41.05 26.39
C THR A 201 14.79 39.99 26.01
N ILE A 202 15.01 38.68 26.36
CA ILE A 202 13.96 37.69 26.14
C ILE A 202 13.10 37.64 27.38
N LYS A 203 11.81 37.98 27.26
CA LYS A 203 10.94 37.90 28.43
C LYS A 203 10.94 36.47 28.99
N SER A 204 10.70 36.34 30.30
CA SER A 204 10.70 35.01 30.91
C SER A 204 9.71 34.05 30.24
N TYR A 205 8.60 34.59 29.73
CA TYR A 205 7.55 33.83 29.06
C TYR A 205 7.69 33.81 27.54
N HIS A 206 8.88 34.08 26.99
CA HIS A 206 9.08 34.07 25.54
C HIS A 206 10.32 33.27 25.17
N LEU A 207 10.44 32.95 23.87
CA LEU A 207 11.60 32.23 23.37
C LEU A 207 12.61 33.15 22.68
N TRP A 208 12.13 34.25 22.12
CA TRP A 208 12.94 35.15 21.32
C TRP A 208 12.99 36.55 21.94
N PRO A 209 13.94 37.39 21.50
CA PRO A 209 14.08 38.74 22.07
C PRO A 209 12.89 39.63 21.79
N SER A 210 12.73 40.61 22.66
CA SER A 210 11.67 41.58 22.53
C SER A 210 12.10 42.71 21.59
N PHE A 211 12.27 42.37 20.31
CA PHE A 211 12.59 43.37 19.29
C PHE A 211 11.38 44.25 18.98
N THR A 212 11.66 45.50 18.65
CA THR A 212 10.64 46.34 18.07
C THR A 212 10.46 45.99 16.59
N ASP A 213 9.38 46.51 16.00
CA ASP A 213 9.17 46.34 14.56
C ASP A 213 10.42 46.70 13.77
N GLU A 214 11.02 47.86 14.07
CA GLU A 214 12.16 48.30 13.30
C GLU A 214 13.38 47.41 13.56
N GLN A 215 13.52 46.90 14.78
CA GLN A 215 14.62 45.99 15.05
C GLN A 215 14.39 44.63 14.38
N TRP A 216 13.14 44.21 14.23
CA TRP A 216 12.91 42.93 13.55
C TRP A 216 13.29 43.02 12.07
N ILE A 217 13.02 44.16 11.44
CA ILE A 217 13.45 44.36 10.05
C ILE A 217 14.96 44.24 9.95
N THR A 218 15.69 44.88 10.86
CA THR A 218 17.15 44.77 10.82
C THR A 218 17.59 43.34 11.10
N ILE A 219 17.05 42.74 12.16
CA ILE A 219 17.33 41.33 12.42
C ILE A 219 17.05 40.50 11.18
N GLU A 220 15.83 40.59 10.64
CA GLU A 220 15.45 39.76 9.50
C GLU A 220 16.44 39.95 8.34
N SER A 221 16.90 41.19 8.13
N SER A 221 16.89 41.20 8.11
CA SER A 221 17.86 41.45 7.05
CA SER A 221 17.87 41.46 7.06
C SER A 221 19.22 40.82 7.35
C SER A 221 19.19 40.76 7.37
N GLN A 222 19.65 40.86 8.62
CA GLN A 222 20.90 40.19 9.00
C GLN A 222 20.82 38.67 8.79
N MET A 223 19.67 38.04 9.07
CA MET A 223 19.56 36.59 8.86
C MET A 223 19.61 36.23 7.38
N ARG A 224 18.99 37.05 6.53
N ARG A 224 19.03 37.06 6.52
CA ARG A 224 19.10 36.83 5.09
CA ARG A 224 19.11 36.79 5.09
C ARG A 224 20.54 36.93 4.63
C ARG A 224 20.53 36.96 4.58
N ASP A 225 21.20 38.06 4.93
CA ASP A 225 22.63 38.19 4.67
CA ASP A 225 22.63 38.19 4.68
C ASP A 225 23.38 36.92 5.09
N LEU A 226 23.16 36.47 6.32
CA LEU A 226 23.83 35.25 6.80
C LEU A 226 23.56 34.07 5.89
N ILE A 227 22.29 33.85 5.54
CA ILE A 227 21.89 32.67 4.78
C ILE A 227 22.46 32.71 3.37
N LEU A 228 22.30 33.83 2.67
CA LEU A 228 22.91 33.97 1.36
C LEU A 228 24.42 33.78 1.43
N THR A 229 25.07 34.32 2.47
CA THR A 229 26.51 34.16 2.61
C THR A 229 26.91 32.70 2.71
N GLU A 230 26.52 32.04 3.80
CA GLU A 230 26.86 30.64 4.02
C GLU A 230 26.67 29.86 2.74
N TYR A 231 25.71 30.31 1.92
CA TYR A 231 25.40 29.64 0.66
C TYR A 231 26.46 29.89 -0.40
N GLY A 232 27.14 31.03 -0.34
CA GLY A 232 28.31 31.25 -1.18
C GLY A 232 29.53 30.60 -0.61
N ARG A 233 29.84 30.89 0.66
CA ARG A 233 30.89 30.18 1.38
C ARG A 233 30.82 28.68 1.09
N LYS A 234 29.61 28.17 0.89
CA LYS A 234 29.44 26.73 0.72
C LYS A 234 29.67 26.30 -0.73
N TYR A 235 29.23 27.11 -1.69
CA TYR A 235 29.48 26.84 -3.11
C TYR A 235 30.51 27.80 -3.71
N ASN A 236 31.13 28.66 -2.89
CA ASN A 236 32.12 29.62 -3.37
C ASN A 236 31.56 30.43 -4.54
N VAL A 237 30.86 31.51 -4.23
CA VAL A 237 30.27 32.38 -5.25
C VAL A 237 30.22 33.83 -4.79
N MET B 5 -14.33 -38.71 -19.38
CA MET B 5 -14.08 -37.48 -20.21
C MET B 5 -15.39 -36.85 -20.70
N ASN B 6 -15.48 -35.53 -20.62
CA ASN B 6 -16.72 -34.83 -20.90
C ASN B 6 -16.57 -33.85 -22.07
N THR B 7 -17.73 -33.29 -22.48
CA THR B 7 -17.89 -32.55 -23.71
C THR B 7 -18.69 -31.26 -23.50
N VAL B 8 -18.29 -30.16 -24.15
CA VAL B 8 -19.05 -28.89 -24.23
C VAL B 8 -19.35 -28.73 -25.72
N PRO B 9 -20.56 -29.07 -26.21
CA PRO B 9 -20.88 -28.91 -27.62
C PRO B 9 -21.25 -27.44 -27.88
N PHE B 10 -21.20 -27.03 -29.12
CA PHE B 10 -21.51 -25.65 -29.52
C PHE B 10 -22.65 -25.72 -30.51
N THR B 11 -23.67 -24.88 -30.41
CA THR B 11 -24.76 -24.91 -31.41
C THR B 11 -24.04 -24.58 -32.76
N SER B 12 -23.22 -23.56 -32.87
CA SER B 12 -22.58 -23.21 -34.16
C SER B 12 -21.49 -22.18 -33.86
N ALA B 13 -20.70 -21.84 -34.85
CA ALA B 13 -19.73 -20.77 -34.63
C ALA B 13 -19.98 -19.66 -35.65
N PRO B 14 -20.95 -18.79 -35.39
CA PRO B 14 -21.34 -17.79 -36.43
C PRO B 14 -20.40 -16.62 -36.57
N ILE B 15 -19.53 -16.35 -35.60
CA ILE B 15 -18.53 -15.32 -35.78
C ILE B 15 -17.15 -15.90 -35.50
N GLU B 16 -16.21 -15.47 -36.36
CA GLU B 16 -14.78 -15.72 -36.15
C GLU B 16 -14.34 -15.31 -34.75
N VAL B 17 -13.61 -16.22 -34.12
CA VAL B 17 -13.34 -16.13 -32.70
C VAL B 17 -12.15 -17.03 -32.38
N THR B 18 -11.31 -16.54 -31.46
CA THR B 18 -10.33 -17.37 -30.80
C THR B 18 -10.95 -17.93 -29.53
N ILE B 19 -11.03 -19.26 -29.47
CA ILE B 19 -11.54 -20.00 -28.32
C ILE B 19 -10.35 -20.49 -27.50
N GLY B 20 -10.41 -20.26 -26.20
CA GLY B 20 -9.47 -20.83 -25.25
C GLY B 20 -10.17 -21.87 -24.40
N ILE B 21 -9.47 -22.94 -24.06
CA ILE B 21 -9.98 -23.93 -23.13
C ILE B 21 -8.80 -24.18 -22.20
N ASP B 22 -8.96 -23.81 -20.94
CA ASP B 22 -7.85 -23.78 -20.00
C ASP B 22 -6.70 -23.09 -20.70
N GLN B 23 -5.49 -23.62 -20.65
CA GLN B 23 -4.34 -22.95 -21.22
C GLN B 23 -4.17 -23.19 -22.71
N TYR B 24 -5.13 -23.78 -23.38
CA TYR B 24 -5.10 -23.97 -24.82
C TYR B 24 -6.02 -22.98 -25.54
N SER B 25 -5.80 -22.87 -26.86
CA SER B 25 -6.57 -21.94 -27.70
C SER B 25 -6.44 -22.32 -29.16
N PHE B 26 -7.49 -22.01 -29.92
CA PHE B 26 -7.51 -22.36 -31.32
C PHE B 26 -8.41 -21.34 -31.99
N ASN B 27 -8.16 -21.11 -33.27
CA ASN B 27 -8.92 -20.15 -34.07
C ASN B 27 -10.06 -20.88 -34.79
N VAL B 28 -11.24 -20.28 -34.75
CA VAL B 28 -12.42 -20.73 -35.48
C VAL B 28 -12.86 -19.63 -36.44
N LYS B 29 -13.08 -19.98 -37.69
CA LYS B 29 -13.43 -18.96 -38.68
C LYS B 29 -14.94 -18.72 -38.71
N GLU B 30 -15.32 -17.57 -39.28
CA GLU B 30 -16.73 -17.22 -39.43
C GLU B 30 -17.48 -18.33 -40.14
N ASN B 31 -18.50 -18.85 -39.47
CA ASN B 31 -19.34 -19.95 -39.96
C ASN B 31 -18.51 -21.19 -40.34
N GLN B 32 -17.52 -21.52 -39.53
CA GLN B 32 -16.81 -22.77 -39.70
C GLN B 32 -17.58 -23.90 -39.03
N PRO B 33 -17.54 -25.12 -39.59
CA PRO B 33 -18.32 -26.23 -39.02
C PRO B 33 -17.71 -26.74 -37.72
N PHE B 34 -17.79 -25.92 -36.70
CA PHE B 34 -17.21 -26.21 -35.41
C PHE B 34 -18.33 -26.51 -34.43
N HIS B 35 -18.27 -27.71 -33.79
CA HIS B 35 -19.31 -27.98 -32.81
C HIS B 35 -18.84 -28.41 -31.43
N GLY B 36 -17.62 -28.06 -31.06
CA GLY B 36 -17.33 -27.94 -29.65
C GLY B 36 -16.04 -28.65 -29.27
N ILE B 37 -15.96 -28.98 -27.99
CA ILE B 37 -14.71 -29.47 -27.41
C ILE B 37 -15.05 -30.72 -26.65
N LYS B 38 -14.29 -31.76 -26.89
CA LYS B 38 -14.47 -33.08 -26.28
C LYS B 38 -13.22 -33.53 -25.51
N ASP B 39 -13.36 -34.66 -24.80
CA ASP B 39 -12.23 -35.23 -24.07
C ASP B 39 -11.78 -34.27 -22.94
N ILE B 40 -12.69 -33.50 -22.37
CA ILE B 40 -12.29 -32.57 -21.29
C ILE B 40 -12.06 -33.35 -20.00
N PRO B 41 -10.91 -33.19 -19.33
CA PRO B 41 -10.66 -34.03 -18.13
C PRO B 41 -11.65 -33.76 -16.99
N ILE B 42 -12.30 -34.82 -16.53
CA ILE B 42 -13.11 -34.75 -15.32
C ILE B 42 -12.21 -34.63 -14.10
N GLY B 43 -12.67 -33.89 -13.10
CA GLY B 43 -12.00 -33.79 -11.83
C GLY B 43 -11.42 -32.42 -11.58
N HIS B 44 -11.43 -31.53 -12.57
CA HIS B 44 -10.88 -30.20 -12.46
C HIS B 44 -11.98 -29.19 -12.84
N VAL B 45 -11.84 -27.96 -12.38
N VAL B 45 -11.94 -27.96 -12.30
CA VAL B 45 -12.63 -26.85 -12.91
CA VAL B 45 -12.70 -26.87 -12.97
C VAL B 45 -11.96 -26.35 -14.18
C VAL B 45 -12.03 -26.59 -14.29
N HIS B 46 -12.76 -25.94 -15.16
CA HIS B 46 -12.23 -25.53 -16.45
C HIS B 46 -12.72 -24.12 -16.76
N VAL B 47 -12.07 -23.50 -17.72
CA VAL B 47 -12.57 -22.24 -18.23
C VAL B 47 -12.56 -22.22 -19.73
N ILE B 48 -13.66 -21.81 -20.33
N ILE B 48 -13.70 -21.93 -20.31
CA ILE B 48 -13.76 -21.71 -21.76
CA ILE B 48 -13.77 -21.69 -21.73
C ILE B 48 -13.99 -20.25 -22.11
C ILE B 48 -13.83 -20.18 -21.90
N HIS B 49 -13.10 -19.69 -22.91
CA HIS B 49 -13.06 -18.27 -23.11
C HIS B 49 -12.91 -17.89 -24.57
N PHE B 50 -13.08 -16.60 -24.82
CA PHE B 50 -13.38 -16.14 -26.15
C PHE B 50 -12.78 -14.76 -26.37
N GLN B 51 -12.22 -14.59 -27.56
CA GLN B 51 -11.83 -13.26 -28.04
C GLN B 51 -12.27 -13.14 -29.49
N HIS B 52 -13.18 -12.22 -29.77
CA HIS B 52 -13.72 -12.11 -31.12
C HIS B 52 -12.63 -11.61 -32.06
N ALA B 53 -12.66 -12.08 -33.32
CA ALA B 53 -11.68 -11.60 -34.28
C ALA B 53 -11.81 -10.10 -34.51
N ASP B 54 -13.04 -9.59 -34.49
CA ASP B 54 -13.27 -8.17 -34.77
C ASP B 54 -12.88 -7.29 -33.59
N ASN B 55 -13.23 -7.70 -32.38
CA ASN B 55 -13.07 -6.85 -31.20
C ASN B 55 -12.23 -7.57 -30.16
N SER B 56 -10.91 -7.31 -30.18
CA SER B 56 -10.05 -7.79 -29.11
C SER B 56 -10.41 -7.20 -27.76
N SER B 57 -11.21 -6.13 -27.73
CA SER B 57 -11.75 -5.64 -26.48
C SER B 57 -12.70 -6.68 -25.89
N MET B 58 -12.66 -6.84 -24.57
N MET B 58 -12.63 -6.84 -24.57
CA MET B 58 -13.50 -7.81 -23.89
CA MET B 58 -13.44 -7.79 -23.83
C MET B 58 -13.12 -9.24 -24.26
C MET B 58 -13.13 -9.23 -24.21
N ARG B 59 -12.07 -9.77 -23.62
CA ARG B 59 -11.97 -11.22 -23.46
C ARG B 59 -13.01 -11.59 -22.41
N TYR B 60 -13.71 -12.70 -22.63
CA TYR B 60 -14.68 -13.21 -21.69
C TYR B 60 -14.75 -14.73 -21.69
N GLY B 61 -15.43 -15.29 -20.71
CA GLY B 61 -15.42 -16.75 -20.62
C GLY B 61 -16.17 -17.27 -19.40
N TYR B 62 -16.12 -18.61 -19.22
CA TYR B 62 -17.01 -19.31 -18.31
C TYR B 62 -16.23 -20.42 -17.63
N TRP B 63 -16.13 -20.22 -16.27
CA TRP B 63 -15.71 -21.25 -15.35
C TRP B 63 -16.79 -22.29 -15.11
N PHE B 64 -16.41 -23.58 -15.26
CA PHE B 64 -17.39 -24.63 -15.12
C PHE B 64 -16.73 -25.93 -14.69
N ASP B 65 -17.56 -26.85 -14.21
CA ASP B 65 -17.14 -28.17 -13.78
C ASP B 65 -18.15 -29.14 -14.34
N CYS B 66 -17.70 -30.03 -15.24
CA CYS B 66 -18.58 -30.94 -15.97
C CYS B 66 -19.30 -31.93 -15.07
N ARG B 67 -18.89 -32.07 -13.82
CA ARG B 67 -19.65 -32.91 -12.91
C ARG B 67 -20.93 -32.23 -12.47
N MET B 68 -21.06 -30.93 -12.67
N MET B 68 -21.06 -30.92 -12.66
CA MET B 68 -22.22 -30.21 -12.15
CA MET B 68 -22.21 -30.20 -12.15
C MET B 68 -23.33 -30.05 -13.17
C MET B 68 -23.33 -30.03 -13.17
N GLY B 69 -23.22 -30.68 -14.32
CA GLY B 69 -24.26 -30.63 -15.33
C GLY B 69 -23.68 -30.68 -16.73
N ASN B 70 -24.57 -30.76 -17.75
CA ASN B 70 -24.26 -30.85 -19.20
C ASN B 70 -24.32 -29.40 -19.68
N PHE B 71 -23.22 -28.87 -20.18
CA PHE B 71 -23.12 -27.46 -20.58
C PHE B 71 -22.78 -27.43 -22.07
N TYR B 72 -23.32 -26.45 -22.79
CA TYR B 72 -23.06 -26.18 -24.21
C TYR B 72 -22.93 -24.66 -24.40
N ILE B 73 -22.44 -24.26 -25.55
CA ILE B 73 -22.23 -22.84 -25.95
C ILE B 73 -23.15 -22.49 -27.13
N GLN B 74 -23.78 -21.34 -27.14
CA GLN B 74 -24.66 -20.95 -28.25
C GLN B 74 -24.45 -19.46 -28.53
N TYR B 75 -24.06 -19.10 -29.74
CA TYR B 75 -23.89 -17.67 -30.07
C TYR B 75 -25.22 -16.94 -29.89
N ASP B 76 -25.26 -15.81 -29.20
CA ASP B 76 -26.48 -15.01 -29.11
C ASP B 76 -26.30 -13.76 -29.98
N PRO B 77 -26.99 -13.63 -31.13
CA PRO B 77 -26.75 -12.44 -32.00
C PRO B 77 -27.36 -11.14 -31.48
N LYS B 78 -28.13 -11.19 -30.39
CA LYS B 78 -28.63 -9.94 -29.79
C LYS B 78 -27.58 -9.37 -28.87
N ASP B 79 -27.21 -10.13 -27.86
CA ASP B 79 -26.12 -9.71 -27.00
C ASP B 79 -24.75 -9.85 -27.66
N GLY B 80 -24.62 -10.58 -28.79
CA GLY B 80 -23.32 -10.58 -29.44
C GLY B 80 -22.26 -11.33 -28.66
N LEU B 81 -22.63 -12.37 -27.94
CA LEU B 81 -21.50 -13.11 -27.42
C LEU B 81 -21.86 -14.58 -27.41
N TYR B 82 -20.81 -15.37 -27.33
CA TYR B 82 -20.96 -16.82 -27.10
C TYR B 82 -21.37 -17.06 -25.63
N LYS B 83 -22.53 -17.70 -25.41
CA LYS B 83 -23.17 -17.87 -24.09
C LYS B 83 -23.10 -19.33 -23.64
N MET B 84 -22.68 -19.61 -22.41
CA MET B 84 -22.68 -20.98 -21.85
C MET B 84 -24.11 -21.18 -21.36
N MET B 85 -24.73 -22.34 -21.63
CA MET B 85 -26.06 -22.66 -21.11
C MET B 85 -26.05 -24.12 -20.65
N GLU B 86 -27.06 -24.52 -19.90
CA GLU B 86 -27.15 -25.90 -19.43
C GLU B 86 -28.29 -26.60 -20.17
N GLU B 87 -28.07 -27.82 -20.68
CA GLU B 87 -29.06 -28.71 -21.34
C GLU B 87 -29.57 -29.54 -20.16
N ARG B 88 -30.85 -29.44 -19.81
CA ARG B 88 -31.33 -30.16 -18.62
C ARG B 88 -31.88 -31.55 -19.02
N ASP B 89 -32.22 -31.74 -20.30
CA ASP B 89 -32.66 -33.02 -20.85
C ASP B 89 -31.44 -33.84 -21.22
N GLY B 90 -31.05 -34.73 -20.32
CA GLY B 90 -29.80 -35.44 -20.49
C GLY B 90 -29.76 -36.29 -21.74
N ALA B 91 -30.89 -36.81 -22.26
CA ALA B 91 -30.90 -37.73 -23.43
C ALA B 91 -30.64 -36.92 -24.71
N LYS B 92 -31.20 -35.71 -24.78
CA LYS B 92 -31.06 -34.71 -25.89
C LYS B 92 -29.59 -34.34 -25.98
N PHE B 93 -28.94 -34.22 -24.83
CA PHE B 93 -27.50 -33.90 -24.77
C PHE B 93 -26.65 -35.04 -25.30
N GLU B 94 -26.88 -36.26 -24.80
CA GLU B 94 -26.09 -37.43 -25.26
C GLU B 94 -26.27 -37.62 -26.76
N ASN B 95 -27.50 -37.49 -27.25
CA ASN B 95 -27.88 -37.66 -28.67
C ASN B 95 -27.18 -36.64 -29.57
N ILE B 96 -27.24 -35.36 -29.17
CA ILE B 96 -26.67 -34.22 -29.93
C ILE B 96 -25.15 -34.36 -29.96
N VAL B 97 -24.54 -34.66 -28.82
CA VAL B 97 -23.07 -34.82 -28.68
C VAL B 97 -22.62 -36.05 -29.48
N HIS B 98 -23.35 -37.15 -29.41
CA HIS B 98 -22.98 -38.38 -30.15
C HIS B 98 -23.08 -38.05 -31.64
N ASN B 99 -24.10 -37.31 -32.07
CA ASN B 99 -24.27 -36.95 -33.51
C ASN B 99 -23.01 -36.22 -33.98
N PHE B 100 -22.54 -35.21 -33.26
CA PHE B 100 -21.33 -34.41 -33.61
C PHE B 100 -20.00 -35.18 -33.48
N LYS B 101 -19.82 -35.98 -32.43
CA LYS B 101 -18.62 -36.85 -32.22
C LYS B 101 -18.52 -37.83 -33.41
N GLU B 102 -19.63 -38.37 -33.90
CA GLU B 102 -19.65 -39.24 -35.10
C GLU B 102 -19.26 -38.46 -36.35
N ARG B 103 -19.77 -37.25 -36.49
CA ARG B 103 -19.37 -36.39 -37.59
C ARG B 103 -18.01 -35.72 -37.39
N GLN B 104 -17.34 -35.94 -36.25
CA GLN B 104 -15.96 -35.46 -36.00
C GLN B 104 -15.87 -33.94 -36.13
N MET B 105 -16.85 -33.28 -35.54
CA MET B 105 -16.94 -31.83 -35.62
C MET B 105 -16.44 -31.15 -34.35
N MET B 106 -15.65 -31.87 -33.55
CA MET B 106 -15.19 -31.36 -32.27
C MET B 106 -13.68 -31.45 -32.12
N VAL B 107 -13.08 -30.48 -31.42
CA VAL B 107 -11.67 -30.46 -31.13
C VAL B 107 -11.49 -31.22 -29.85
N SER B 108 -10.39 -31.92 -29.77
CA SER B 108 -10.09 -32.71 -28.60
C SER B 108 -9.24 -31.88 -27.65
N TYR B 109 -9.67 -31.84 -26.37
CA TYR B 109 -8.89 -31.17 -25.32
C TYR B 109 -7.48 -31.75 -25.36
N PRO B 110 -6.45 -30.98 -25.67
CA PRO B 110 -5.22 -31.64 -26.10
C PRO B 110 -4.20 -31.82 -24.99
N LYS B 111 -4.54 -32.61 -23.97
CA LYS B 111 -3.64 -32.77 -22.84
C LYS B 111 -2.56 -33.79 -23.14
N ILE B 112 -1.30 -33.37 -22.96
CA ILE B 112 -0.14 -34.25 -22.98
C ILE B 112 -0.06 -35.05 -21.68
N ASP B 113 0.28 -36.32 -21.78
CA ASP B 113 0.12 -37.18 -20.61
C ASP B 113 1.07 -36.79 -19.47
N GLU B 114 2.30 -36.37 -19.80
CA GLU B 114 3.25 -35.91 -18.78
C GLU B 114 2.78 -34.63 -18.09
N ASP B 115 1.82 -33.91 -18.67
CA ASP B 115 1.58 -32.51 -18.37
C ASP B 115 0.60 -32.38 -17.20
N ASP B 116 1.10 -31.90 -16.05
CA ASP B 116 0.27 -31.57 -14.91
C ASP B 116 0.02 -30.07 -14.76
N THR B 117 0.24 -29.27 -15.81
CA THR B 117 0.09 -27.82 -15.65
C THR B 117 -1.28 -27.40 -15.12
N TRP B 118 -2.36 -27.88 -15.70
CA TRP B 118 -3.67 -27.35 -15.31
C TRP B 118 -3.98 -27.74 -13.87
N TYR B 119 -3.67 -28.99 -13.51
CA TYR B 119 -3.83 -29.43 -12.13
C TYR B 119 -3.06 -28.50 -11.21
N ASN B 120 -1.82 -28.21 -11.58
CA ASN B 120 -1.01 -27.39 -10.69
C ASN B 120 -1.55 -25.96 -10.58
N LEU B 121 -2.17 -25.43 -11.64
CA LEU B 121 -2.75 -24.06 -11.60
C LEU B 121 -4.11 -24.00 -10.87
N THR B 122 -4.81 -25.14 -10.72
CA THR B 122 -6.17 -25.16 -10.18
C THR B 122 -6.30 -26.11 -8.98
N GLU B 123 -5.18 -26.50 -8.34
CA GLU B 123 -5.19 -27.48 -7.27
C GLU B 123 -6.25 -27.18 -6.22
N PHE B 124 -6.37 -25.93 -5.80
CA PHE B 124 -7.28 -25.54 -4.71
C PHE B 124 -8.53 -24.80 -5.17
N VAL B 125 -8.73 -24.71 -6.46
CA VAL B 125 -9.87 -23.96 -6.97
C VAL B 125 -11.05 -24.91 -7.03
N GLN B 126 -12.17 -24.48 -6.47
N GLN B 126 -12.14 -24.49 -6.41
CA GLN B 126 -13.38 -25.28 -6.36
CA GLN B 126 -13.39 -25.25 -6.36
C GLN B 126 -14.56 -24.44 -6.87
C GLN B 126 -14.50 -24.41 -6.96
N MET B 127 -15.43 -25.06 -7.68
CA MET B 127 -16.55 -24.33 -8.27
C MET B 127 -17.38 -23.61 -7.21
N ASP B 128 -17.71 -24.29 -6.11
CA ASP B 128 -18.58 -23.67 -5.12
C ASP B 128 -17.99 -22.35 -4.67
N LYS B 129 -16.66 -22.28 -4.54
CA LYS B 129 -16.09 -21.03 -4.08
C LYS B 129 -16.08 -19.97 -5.18
N ILE B 130 -15.78 -20.38 -6.43
CA ILE B 130 -15.89 -19.46 -7.57
C ILE B 130 -17.27 -18.82 -7.65
N ARG B 131 -18.33 -19.61 -7.38
CA ARG B 131 -19.68 -19.11 -7.49
C ARG B 131 -20.01 -18.08 -6.41
N LYS B 132 -19.29 -18.11 -5.29
CA LYS B 132 -19.47 -17.09 -4.25
C LYS B 132 -18.72 -15.81 -4.59
N ILE B 133 -17.65 -15.89 -5.35
CA ILE B 133 -16.94 -14.70 -5.76
C ILE B 133 -17.67 -14.06 -6.95
N VAL B 134 -18.27 -14.88 -7.83
CA VAL B 134 -19.04 -14.44 -8.99
C VAL B 134 -20.49 -14.80 -8.71
N ARG B 135 -21.29 -13.84 -8.26
CA ARG B 135 -22.65 -14.13 -7.80
C ARG B 135 -23.62 -14.10 -8.97
N LYS B 136 -24.07 -15.28 -9.40
CA LYS B 136 -25.12 -15.42 -10.41
C LYS B 136 -25.75 -16.78 -10.21
N ASP B 137 -26.66 -16.90 -9.25
CA ASP B 137 -26.94 -18.20 -8.64
C ASP B 137 -27.86 -19.10 -9.46
N GLU B 138 -28.54 -18.56 -10.47
CA GLU B 138 -29.34 -19.42 -11.34
C GLU B 138 -28.50 -20.31 -12.26
N ASN B 139 -27.21 -20.04 -12.38
CA ASN B 139 -26.35 -20.83 -13.27
C ASN B 139 -25.30 -21.56 -12.45
N GLN B 140 -24.93 -22.75 -12.93
CA GLN B 140 -23.90 -23.57 -12.29
C GLN B 140 -22.51 -23.21 -12.75
N PHE B 141 -22.40 -22.37 -13.78
CA PHE B 141 -21.14 -21.88 -14.37
C PHE B 141 -21.02 -20.40 -14.03
N SER B 142 -19.86 -19.82 -14.26
CA SER B 142 -19.65 -18.43 -13.82
C SER B 142 -19.02 -17.62 -14.94
N TYR B 143 -19.63 -16.49 -15.30
CA TYR B 143 -19.09 -15.65 -16.34
C TYR B 143 -18.13 -14.63 -15.78
N VAL B 144 -16.99 -14.45 -16.45
CA VAL B 144 -16.02 -13.42 -16.10
C VAL B 144 -15.60 -12.73 -17.40
N ASP B 145 -15.29 -11.41 -17.34
CA ASP B 145 -14.65 -10.73 -18.49
C ASP B 145 -13.59 -9.74 -18.01
N SER B 146 -12.95 -9.11 -18.99
CA SER B 146 -11.84 -8.21 -18.75
C SER B 146 -12.25 -7.06 -17.87
N SER B 147 -13.49 -6.56 -18.04
CA SER B 147 -13.91 -5.24 -17.52
C SER B 147 -14.48 -5.31 -16.10
N MET B 148 -14.75 -6.52 -15.60
CA MET B 148 -15.44 -6.61 -14.32
C MET B 148 -14.56 -6.10 -13.21
N THR B 149 -15.14 -5.29 -12.35
CA THR B 149 -14.40 -4.78 -11.21
C THR B 149 -14.67 -5.60 -9.97
N THR B 150 -13.86 -5.36 -8.95
CA THR B 150 -13.92 -6.10 -7.71
C THR B 150 -14.68 -5.30 -6.64
N VAL B 151 -15.19 -6.04 -5.64
CA VAL B 151 -15.88 -5.40 -4.53
C VAL B 151 -15.04 -4.26 -3.97
N GLN B 152 -13.75 -4.53 -3.71
CA GLN B 152 -12.87 -3.50 -3.17
C GLN B 152 -12.74 -2.33 -4.13
N GLU B 153 -12.69 -2.60 -5.44
CA GLU B 153 -12.60 -1.51 -6.42
C GLU B 153 -13.85 -0.62 -6.39
N ASN B 154 -15.03 -1.20 -6.17
CA ASN B 154 -16.27 -0.43 -6.11
C ASN B 154 -16.40 0.40 -4.84
N GLU B 155 -15.57 0.13 -3.83
CA GLU B 155 -15.52 0.93 -2.62
C GLU B 155 -14.62 2.13 -2.76
N LEU B 156 -13.76 2.15 -3.78
CA LEU B 156 -12.86 3.27 -4.02
C LEU B 156 -13.20 4.04 -5.29
N SER B 161 -19.67 -0.01 -11.15
CA SER B 161 -20.31 0.26 -9.87
C SER B 161 -21.60 -0.56 -9.70
N ASP B 162 -21.84 -1.49 -10.64
CA ASP B 162 -23.01 -2.37 -10.62
C ASP B 162 -22.72 -3.59 -9.75
N PRO B 163 -23.35 -3.71 -8.58
CA PRO B 163 -22.98 -4.81 -7.66
C PRO B 163 -23.25 -6.21 -8.20
N ALA B 164 -24.17 -6.36 -9.16
CA ALA B 164 -24.50 -7.70 -9.65
C ALA B 164 -23.36 -8.31 -10.46
N HIS B 165 -22.52 -7.47 -11.07
CA HIS B 165 -21.55 -7.88 -12.08
C HIS B 165 -20.12 -7.68 -11.56
N SER B 166 -19.91 -7.92 -10.28
CA SER B 166 -18.63 -7.66 -9.65
C SER B 166 -17.96 -8.97 -9.30
N LEU B 167 -16.68 -8.87 -9.00
CA LEU B 167 -15.91 -9.98 -8.46
C LEU B 167 -15.76 -9.79 -6.95
N ASN B 168 -16.43 -10.61 -6.17
N ASN B 168 -16.41 -10.65 -6.18
CA ASN B 168 -16.45 -10.45 -4.71
CA ASN B 168 -16.47 -10.55 -4.72
C ASN B 168 -15.29 -11.19 -4.05
C ASN B 168 -15.27 -11.23 -4.06
N TYR B 169 -14.08 -10.76 -4.41
CA TYR B 169 -12.89 -11.29 -3.77
C TYR B 169 -12.86 -10.78 -2.32
N THR B 170 -12.13 -11.51 -1.48
CA THR B 170 -11.98 -11.18 -0.07
C THR B 170 -11.19 -9.88 0.03
N VAL B 171 -11.72 -8.90 0.76
CA VAL B 171 -11.03 -7.61 0.83
C VAL B 171 -9.82 -7.66 1.78
N ILE B 172 -8.66 -7.26 1.27
CA ILE B 172 -7.38 -7.24 1.97
C ILE B 172 -6.87 -5.82 1.91
N ASN B 173 -6.59 -5.20 3.05
CA ASN B 173 -6.12 -3.82 3.05
C ASN B 173 -5.21 -3.66 4.26
N PHE B 174 -3.92 -3.40 3.96
CA PHE B 174 -2.88 -3.46 4.96
C PHE B 174 -2.98 -2.27 5.90
N LYS B 175 -3.69 -1.23 5.48
CA LYS B 175 -3.85 -0.04 6.36
C LYS B 175 -5.33 0.08 6.71
N SER B 176 -5.81 -0.90 7.47
CA SER B 176 -7.21 -0.99 7.85
C SER B 176 -7.31 -1.40 9.32
N ARG B 177 -8.44 -1.06 9.95
CA ARG B 177 -8.60 -1.54 11.31
C ARG B 177 -8.58 -3.05 11.36
N GLU B 178 -9.12 -3.73 10.36
CA GLU B 178 -9.11 -5.19 10.45
C GLU B 178 -7.70 -5.73 10.53
N ALA B 179 -6.75 -5.08 9.86
CA ALA B 179 -5.40 -5.61 9.73
C ALA B 179 -4.50 -5.24 10.90
N ILE B 180 -4.93 -4.29 11.74
CA ILE B 180 -4.06 -3.62 12.70
C ILE B 180 -4.77 -3.58 14.03
N ARG B 181 -4.21 -4.28 15.02
CA ARG B 181 -4.77 -4.29 16.37
C ARG B 181 -4.40 -3.01 17.11
N PRO B 182 -5.35 -2.35 17.77
CA PRO B 182 -5.00 -1.20 18.62
C PRO B 182 -3.89 -1.56 19.59
N GLY B 183 -2.88 -0.73 19.64
CA GLY B 183 -1.77 -0.98 20.53
C GLY B 183 -0.70 -1.86 19.95
N HIS B 184 -0.95 -2.49 18.80
CA HIS B 184 0.06 -3.24 18.08
C HIS B 184 0.30 -2.65 16.70
N GLU B 185 0.07 -1.33 16.55
CA GLU B 185 0.14 -0.67 15.25
C GLU B 185 1.46 -0.98 14.52
N MET B 186 2.58 -0.61 15.13
CA MET B 186 3.86 -0.93 14.51
C MET B 186 4.05 -2.43 14.35
N GLU B 187 3.69 -3.20 15.35
CA GLU B 187 3.96 -4.64 15.25
C GLU B 187 3.21 -5.26 14.09
N ASP B 188 1.94 -4.93 13.95
CA ASP B 188 1.09 -5.63 13.00
C ASP B 188 1.31 -5.14 11.55
N PHE B 189 1.77 -3.90 11.36
CA PHE B 189 2.00 -3.36 10.01
C PHE B 189 3.28 -3.92 9.41
N LEU B 190 4.32 -4.12 10.23
CA LEU B 190 5.58 -4.66 9.75
C LEU B 190 5.61 -6.18 9.73
N ASP B 191 4.78 -6.83 10.54
CA ASP B 191 4.65 -8.29 10.61
C ASP B 191 3.15 -8.64 10.52
N LYS B 192 2.69 -9.08 9.36
CA LYS B 192 1.25 -9.26 9.17
C LYS B 192 0.73 -10.60 9.61
N SER B 193 1.50 -11.36 10.43
CA SER B 193 1.07 -12.68 10.86
C SER B 193 -0.31 -12.70 11.51
N TYR B 194 -0.63 -11.71 12.35
N TYR B 194 -0.58 -11.72 12.39
N TYR B 194 -0.61 -11.73 12.38
CA TYR B 194 -1.93 -11.77 12.99
CA TYR B 194 -1.91 -11.62 13.02
CA TYR B 194 -1.92 -11.72 13.00
C TYR B 194 -3.05 -11.59 11.97
C TYR B 194 -2.98 -11.61 11.95
C TYR B 194 -3.01 -11.63 11.94
N TYR B 195 -2.83 -10.73 10.97
CA TYR B 195 -3.82 -10.54 9.91
C TYR B 195 -3.92 -11.80 9.03
N LEU B 196 -2.80 -12.44 8.69
CA LEU B 196 -2.90 -13.65 7.88
C LEU B 196 -3.52 -14.79 8.65
N ASN B 197 -3.02 -15.04 9.87
CA ASN B 197 -3.39 -16.29 10.55
C ASN B 197 -4.70 -16.14 11.33
N THR B 198 -4.81 -15.15 12.20
CA THR B 198 -6.05 -15.01 12.95
C THR B 198 -7.19 -14.46 12.11
N VAL B 199 -6.95 -13.36 11.40
CA VAL B 199 -8.06 -12.65 10.75
C VAL B 199 -8.54 -13.41 9.51
N MET B 200 -7.62 -13.69 8.58
CA MET B 200 -7.92 -14.26 7.25
C MET B 200 -8.06 -15.78 7.31
N LEU B 201 -7.00 -16.46 7.72
CA LEU B 201 -7.02 -17.92 7.68
C LEU B 201 -8.02 -18.48 8.67
N GLN B 202 -7.87 -18.14 9.96
N GLN B 202 -7.88 -18.13 9.96
CA GLN B 202 -8.80 -18.66 10.97
CA GLN B 202 -8.80 -18.66 10.97
C GLN B 202 -10.18 -18.04 10.83
C GLN B 202 -10.19 -18.03 10.83
N GLY B 203 -10.25 -16.71 10.77
CA GLY B 203 -11.54 -16.04 10.68
C GLY B 203 -12.36 -16.18 9.40
N ILE B 204 -11.76 -15.88 8.24
CA ILE B 204 -12.50 -15.72 6.99
C ILE B 204 -12.39 -16.95 6.08
N PHE B 205 -11.18 -17.39 5.78
CA PHE B 205 -11.02 -18.48 4.82
C PHE B 205 -11.21 -19.86 5.46
N LYS B 206 -11.02 -19.96 6.79
CA LYS B 206 -11.14 -21.20 7.55
C LYS B 206 -9.93 -22.12 7.37
N ASN B 207 -9.38 -22.22 6.16
CA ASN B 207 -8.17 -23.00 5.95
C ASN B 207 -7.35 -22.44 4.80
N SER B 208 -6.14 -23.00 4.63
CA SER B 208 -5.21 -22.44 3.65
C SER B 208 -5.61 -22.88 2.26
N SER B 209 -6.37 -23.98 2.17
CA SER B 209 -6.81 -24.49 0.89
C SER B 209 -7.80 -23.51 0.24
N ASN B 210 -8.68 -22.91 1.03
CA ASN B 210 -9.58 -21.87 0.54
C ASN B 210 -8.82 -20.61 0.19
N TYR B 211 -7.81 -20.25 1.00
CA TYR B 211 -6.98 -19.08 0.69
C TYR B 211 -6.26 -19.29 -0.64
N PHE B 212 -5.64 -20.46 -0.77
CA PHE B 212 -4.92 -20.72 -2.01
C PHE B 212 -5.85 -20.73 -3.22
N GLY B 213 -7.07 -21.21 -3.01
CA GLY B 213 -8.00 -21.34 -4.12
C GLY B 213 -8.38 -19.97 -4.66
N GLU B 214 -8.68 -19.04 -3.76
CA GLU B 214 -8.95 -17.67 -4.18
C GLU B 214 -7.74 -17.05 -4.86
N LEU B 215 -6.54 -17.25 -4.33
CA LEU B 215 -5.36 -16.75 -5.00
C LEU B 215 -5.14 -17.39 -6.37
N GLN B 216 -5.42 -18.70 -6.51
CA GLN B 216 -5.20 -19.27 -7.85
C GLN B 216 -6.25 -18.74 -8.85
N PHE B 217 -7.48 -18.55 -8.38
CA PHE B 217 -8.54 -18.08 -9.26
C PHE B 217 -8.32 -16.62 -9.67
N ALA B 218 -7.79 -15.82 -8.73
CA ALA B 218 -7.43 -14.44 -9.00
C ALA B 218 -6.39 -14.39 -10.13
N PHE B 219 -5.38 -15.28 -10.04
CA PHE B 219 -4.30 -15.28 -11.04
C PHE B 219 -4.82 -15.68 -12.39
N LEU B 220 -5.64 -16.72 -12.40
CA LEU B 220 -6.15 -17.22 -13.67
C LEU B 220 -7.02 -16.16 -14.35
N ASN B 221 -7.83 -15.37 -13.59
CA ASN B 221 -8.66 -14.33 -14.21
CA ASN B 221 -8.66 -14.33 -14.19
C ASN B 221 -7.81 -13.17 -14.74
N ALA B 222 -6.74 -12.79 -13.97
CA ALA B 222 -5.74 -11.84 -14.48
C ALA B 222 -5.08 -12.33 -15.79
N MET B 223 -4.74 -13.61 -15.90
CA MET B 223 -3.99 -14.09 -17.08
C MET B 223 -4.89 -14.25 -18.28
N PHE B 224 -6.04 -14.87 -18.08
CA PHE B 224 -6.91 -15.14 -19.17
C PHE B 224 -7.71 -13.96 -19.59
N PHE B 225 -8.17 -13.09 -18.68
CA PHE B 225 -9.00 -11.96 -19.11
C PHE B 225 -8.31 -10.61 -19.00
N GLY B 226 -7.05 -10.57 -18.59
CA GLY B 226 -6.44 -9.28 -18.27
C GLY B 226 -7.28 -8.49 -17.30
N ASN B 227 -7.93 -9.17 -16.39
CA ASN B 227 -8.73 -8.49 -15.38
C ASN B 227 -7.84 -7.84 -14.29
N TYR B 228 -7.79 -6.50 -14.33
CA TYR B 228 -6.84 -5.75 -13.50
C TYR B 228 -7.08 -6.00 -12.02
N GLY B 229 -8.31 -5.95 -11.55
CA GLY B 229 -8.62 -6.14 -10.14
C GLY B 229 -8.28 -7.52 -9.67
N SER B 230 -8.42 -8.50 -10.55
CA SER B 230 -7.95 -9.82 -10.19
C SER B 230 -6.45 -9.83 -9.96
N SER B 231 -5.67 -9.21 -10.83
CA SER B 231 -4.24 -9.14 -10.60
C SER B 231 -3.90 -8.46 -9.27
N LEU B 232 -4.56 -7.34 -8.97
CA LEU B 232 -4.39 -6.67 -7.67
C LEU B 232 -4.59 -7.65 -6.53
N GLN B 233 -5.66 -8.46 -6.62
CA GLN B 233 -6.03 -9.46 -5.62
C GLN B 233 -4.93 -10.52 -5.51
N TRP B 234 -4.49 -11.12 -6.63
CA TRP B 234 -3.34 -12.06 -6.60
C TRP B 234 -2.16 -11.47 -5.85
N HIS B 235 -1.74 -10.29 -6.27
CA HIS B 235 -0.55 -9.71 -5.67
C HIS B 235 -0.78 -9.50 -4.19
N ALA B 236 -1.99 -9.08 -3.81
CA ALA B 236 -2.20 -8.76 -2.40
C ALA B 236 -2.05 -10.00 -1.52
N MET B 237 -2.60 -11.09 -2.02
CA MET B 237 -2.61 -12.34 -1.25
C MET B 237 -1.21 -12.94 -1.13
N ILE B 238 -0.36 -12.77 -2.15
CA ILE B 238 1.04 -13.15 -2.04
C ILE B 238 1.71 -12.27 -0.98
N GLU B 239 1.55 -10.96 -1.13
CA GLU B 239 2.25 -10.03 -0.25
C GLU B 239 1.90 -10.30 1.21
N LEU B 240 0.62 -10.59 1.50
CA LEU B 240 0.25 -10.87 2.90
C LEU B 240 1.01 -12.06 3.48
N ILE B 241 1.20 -13.12 2.70
CA ILE B 241 2.00 -14.21 3.21
C ILE B 241 3.47 -13.82 3.33
N CYS B 242 4.04 -13.29 2.25
CA CYS B 242 5.45 -12.94 2.26
C CYS B 242 5.80 -11.99 3.39
N SER B 243 4.83 -11.16 3.86
CA SER B 243 5.06 -10.11 4.87
C SER B 243 4.63 -10.52 6.27
N SER B 244 4.35 -11.79 6.47
CA SER B 244 4.12 -12.44 7.76
C SER B 244 5.39 -13.16 8.16
N ALA B 245 5.90 -12.89 9.37
CA ALA B 245 7.07 -13.61 9.85
C ALA B 245 6.68 -15.04 10.20
N THR B 246 5.42 -15.28 10.53
CA THR B 246 5.00 -16.56 11.06
C THR B 246 3.94 -17.16 10.14
N VAL B 247 4.32 -18.17 9.36
CA VAL B 247 3.50 -18.79 8.31
C VAL B 247 3.71 -20.30 8.45
N PRO B 248 2.68 -21.14 8.55
CA PRO B 248 2.92 -22.59 8.61
C PRO B 248 3.79 -23.07 7.46
N LYS B 249 4.71 -24.00 7.78
CA LYS B 249 5.76 -24.39 6.86
C LYS B 249 5.17 -25.01 5.61
N HIS B 250 4.04 -25.71 5.78
CA HIS B 250 3.39 -26.40 4.66
C HIS B 250 2.78 -25.38 3.71
N MET B 251 2.38 -24.21 4.25
CA MET B 251 1.82 -23.18 3.40
C MET B 251 2.91 -22.55 2.55
N LEU B 252 4.11 -22.38 3.11
CA LEU B 252 5.22 -21.79 2.38
C LEU B 252 5.66 -22.70 1.25
N ASP B 253 5.82 -23.98 1.54
CA ASP B 253 6.20 -24.90 0.49
C ASP B 253 5.12 -24.95 -0.58
N LYS B 254 3.85 -25.03 -0.18
CA LYS B 254 2.80 -25.07 -1.18
C LYS B 254 2.78 -23.77 -1.99
N LEU B 255 2.95 -22.63 -1.34
CA LEU B 255 2.93 -21.35 -2.07
C LEU B 255 4.01 -21.29 -3.14
N ASP B 256 5.24 -21.65 -2.74
CA ASP B 256 6.34 -21.75 -3.69
C ASP B 256 5.95 -22.57 -4.90
N GLU B 257 5.27 -23.73 -4.69
CA GLU B 257 4.89 -24.54 -5.85
C GLU B 257 3.83 -23.80 -6.69
N ILE B 258 2.76 -23.32 -6.05
CA ILE B 258 1.77 -22.51 -6.74
C ILE B 258 2.39 -21.43 -7.63
N LEU B 259 3.12 -20.46 -7.04
CA LEU B 259 3.72 -19.36 -7.79
C LEU B 259 4.58 -19.89 -8.91
N TYR B 260 5.31 -20.98 -8.64
CA TYR B 260 6.23 -21.49 -9.64
C TYR B 260 5.49 -21.77 -10.95
N TYR B 261 4.34 -22.45 -10.85
CA TYR B 261 3.62 -22.81 -12.06
C TYR B 261 2.88 -21.63 -12.65
N GLN B 262 2.51 -20.66 -11.85
CA GLN B 262 1.88 -19.47 -12.39
C GLN B 262 2.89 -18.71 -13.25
N ILE B 263 4.09 -18.48 -12.71
CA ILE B 263 5.17 -17.81 -13.44
C ILE B 263 5.57 -18.65 -14.65
N LYS B 264 5.67 -19.97 -14.52
CA LYS B 264 5.97 -20.77 -15.71
C LYS B 264 4.95 -20.52 -16.85
N THR B 265 3.66 -20.38 -16.52
CA THR B 265 2.60 -20.41 -17.53
C THR B 265 2.33 -19.02 -18.09
N LEU B 266 2.70 -18.00 -17.36
CA LEU B 266 2.41 -16.64 -17.79
C LEU B 266 3.04 -16.41 -19.15
N PRO B 267 2.31 -15.88 -20.12
CA PRO B 267 2.95 -15.50 -21.39
C PRO B 267 4.12 -14.54 -21.17
N GLU B 268 5.23 -14.82 -21.86
CA GLU B 268 6.42 -14.00 -21.67
C GLU B 268 6.17 -12.53 -22.01
N GLN B 269 5.26 -12.27 -22.95
CA GLN B 269 5.02 -10.91 -23.42
C GLN B 269 4.02 -10.14 -22.55
N TYR B 270 3.39 -10.79 -21.56
CA TYR B 270 2.44 -10.12 -20.69
C TYR B 270 3.02 -9.80 -19.32
N SER B 271 4.31 -10.08 -19.11
CA SER B 271 4.90 -9.88 -17.79
C SER B 271 4.91 -8.41 -17.38
N ASP B 272 5.00 -7.49 -18.34
CA ASP B 272 5.12 -6.08 -18.00
C ASP B 272 3.86 -5.52 -17.35
N ILE B 273 2.70 -6.11 -17.64
CA ILE B 273 1.43 -5.60 -17.13
C ILE B 273 0.86 -6.48 -16.02
N LEU B 274 1.19 -7.79 -16.01
CA LEU B 274 0.61 -8.73 -15.05
C LEU B 274 1.47 -8.89 -13.82
N LEU B 275 2.71 -8.42 -13.82
CA LEU B 275 3.57 -8.63 -12.68
C LEU B 275 3.94 -7.31 -12.04
N ASN B 276 3.74 -7.22 -10.75
CA ASN B 276 4.01 -6.00 -10.01
C ASN B 276 5.44 -6.02 -9.50
N GLU B 277 6.27 -5.12 -10.05
CA GLU B 277 7.68 -5.07 -9.71
C GLU B 277 7.86 -4.98 -8.21
N ARG B 278 7.12 -4.08 -7.56
CA ARG B 278 7.37 -3.82 -6.14
C ARG B 278 7.05 -5.04 -5.30
N VAL B 279 5.87 -5.61 -5.53
CA VAL B 279 5.49 -6.76 -4.74
C VAL B 279 6.52 -7.86 -4.90
N TRP B 280 6.98 -8.09 -6.14
CA TRP B 280 7.82 -9.27 -6.36
C TRP B 280 9.22 -9.06 -5.80
N ASN B 281 9.80 -7.88 -6.02
CA ASN B 281 11.11 -7.61 -5.43
C ASN B 281 11.05 -7.69 -3.91
N ILE B 282 9.98 -7.14 -3.33
CA ILE B 282 9.79 -7.18 -1.88
C ILE B 282 9.67 -8.61 -1.41
N CYS B 283 8.82 -9.38 -2.07
CA CYS B 283 8.57 -10.74 -1.62
C CYS B 283 9.84 -11.59 -1.71
N LEU B 284 10.61 -11.45 -2.79
CA LEU B 284 11.73 -12.33 -3.05
C LEU B 284 13.03 -11.89 -2.35
N TYR B 285 13.13 -10.63 -1.96
CA TYR B 285 14.41 -10.08 -1.56
C TYR B 285 14.38 -9.33 -0.23
N SER B 286 13.23 -8.86 0.23
CA SER B 286 13.15 -8.09 1.46
C SER B 286 12.32 -8.75 2.55
N SER B 287 11.36 -9.58 2.19
CA SER B 287 10.32 -9.95 3.13
C SER B 287 10.83 -11.04 4.09
N PHE B 288 10.02 -11.36 5.09
CA PHE B 288 10.36 -12.48 5.99
C PHE B 288 10.62 -13.76 5.19
N GLN B 289 9.93 -13.92 4.06
CA GLN B 289 9.92 -15.20 3.33
C GLN B 289 10.84 -15.15 2.11
N LYS B 290 11.72 -14.15 2.06
CA LYS B 290 12.67 -13.96 0.97
C LYS B 290 13.52 -15.19 0.71
N ASN B 291 13.65 -16.09 1.68
CA ASN B 291 14.47 -17.28 1.53
C ASN B 291 13.64 -18.54 1.49
N SER B 292 12.32 -18.42 1.47
CA SER B 292 11.42 -19.56 1.56
C SER B 292 10.78 -19.95 0.23
N LEU B 293 11.08 -19.24 -0.86
CA LEU B 293 10.44 -19.46 -2.14
C LEU B 293 11.51 -19.83 -3.18
N HIS B 294 12.14 -20.95 -2.98
CA HIS B 294 13.31 -21.27 -3.78
C HIS B 294 12.94 -21.51 -5.23
N ASN B 295 11.84 -22.23 -5.46
CA ASN B 295 11.51 -22.56 -6.84
C ASN B 295 11.01 -21.32 -7.55
N THR B 296 10.22 -20.51 -6.85
CA THR B 296 9.68 -19.30 -7.45
C THR B 296 10.77 -18.28 -7.76
N GLU B 297 11.70 -18.05 -6.81
CA GLU B 297 12.81 -17.12 -7.09
C GLU B 297 13.64 -17.60 -8.27
N LYS B 298 13.89 -18.92 -8.36
CA LYS B 298 14.74 -19.44 -9.42
C LYS B 298 14.13 -19.24 -10.80
N ILE B 299 12.81 -19.41 -10.95
CA ILE B 299 12.22 -19.25 -12.29
C ILE B 299 12.01 -17.76 -12.59
N MET B 300 11.76 -16.99 -11.56
CA MET B 300 11.60 -15.55 -11.77
C MET B 300 12.89 -14.90 -12.23
N GLU B 301 14.02 -15.23 -11.57
CA GLU B 301 15.33 -14.74 -11.98
C GLU B 301 15.76 -15.25 -13.37
N ASN B 302 15.34 -16.44 -13.79
CA ASN B 302 15.82 -16.94 -15.07
C ASN B 302 14.95 -16.53 -16.25
N LYS B 303 13.72 -16.16 -15.99
CA LYS B 303 12.75 -15.81 -17.02
C LYS B 303 12.46 -14.32 -17.06
N TYR B 304 12.37 -13.65 -15.91
CA TYR B 304 12.08 -12.22 -15.84
C TYR B 304 13.12 -11.48 -15.00
N PRO B 305 14.40 -11.65 -15.28
CA PRO B 305 15.42 -10.86 -14.55
C PRO B 305 15.27 -9.37 -14.76
N GLU B 306 14.59 -8.95 -15.84
CA GLU B 306 14.42 -7.53 -16.11
C GLU B 306 13.58 -6.87 -15.00
N LEU B 307 12.54 -7.56 -14.55
CA LEU B 307 11.65 -7.00 -13.53
C LEU B 307 12.36 -6.80 -12.19
N LEU B 308 13.41 -7.54 -11.92
CA LEU B 308 14.05 -7.53 -10.61
C LEU B 308 15.34 -6.72 -10.73
N1 WCI C . -33.50 -25.58 -27.60
C7 WCI C . -28.48 -28.79 -26.38
C8 WCI C . -27.24 -28.77 -26.90
N2 WCI C . -30.32 -26.72 -28.63
C9 WCI C . -26.97 -28.12 -28.03
C1 WCI C . -35.38 -25.29 -26.65
C5 WCI C . -29.27 -27.46 -28.12
C6 WCI C . -29.51 -28.14 -26.99
C4 WCI C . -31.21 -26.05 -27.77
C3 WCI C . -32.35 -25.27 -28.41
C2 WCI C . -33.70 -26.77 -26.94
CL1 WCI C . -26.11 -29.58 -26.12
CL WCI C . -25.43 -27.98 -28.74
C10 WCI C . -27.99 -27.45 -28.71
O WCI C . -31.12 -26.04 -26.54
N WCI C . -34.48 -24.69 -27.44
C WCI C . -34.90 -26.60 -26.32
#